data_4UY5
#
_entry.id   4UY5
#
_cell.length_a   74.641
_cell.length_b   74.641
_cell.length_c   139.660
_cell.angle_alpha   90.00
_cell.angle_beta   90.00
_cell.angle_gamma   90.00
#
_symmetry.space_group_name_H-M   'P 41 21 2'
#
loop_
_entity.id
_entity.type
_entity.pdbx_description
1 polymer 'HISTIDINE-SPECIFIC METHYLTRANSFERASE EGTD'
2 non-polymer IMIDAZOLE
3 non-polymer 'ACETATE ION'
4 water water
#
_entity_poly.entity_id   1
_entity_poly.type   'polypeptide(L)'
_entity_poly.pdbx_seq_one_letter_code
;(MSE)TLSLANYLAADSAAEALRRDVRAGLTAAPKSLPPKWFYDAVGSDLFDQITRLPEYYPTRTEAQILRTRSAEIIAA
AGADTLVELGSGTSEKTR(MSE)LLDA(MSE)RDAELLRRFIPFDVDAGVLRSAGAAIGAEYPGIEIDAVCGDFEEHLGK
IPHVGRRLVVFLGSTIGNLTPAPRAEFLSTLADTLQPGDSLLLGTDLVKDTGRLVRAYDDAAGVTAAFNRNVLAVVNREL
SADFDLDAFEHVAKWNSDEERIE(MSE)WLRARTAQHVRVAALDLEVDFAAGEE(MSE)LTEVSCKFRPENVVAELAEAG
LRQTHWWTDPAGDFGLSLAVRLEHHHHHH
;
_entity_poly.pdbx_strand_id   A
#
loop_
_chem_comp.id
_chem_comp.type
_chem_comp.name
_chem_comp.formula
ACT non-polymer 'ACETATE ION' 'C2 H3 O2 -1'
IMD non-polymer IMIDAZOLE 'C3 H5 N2 1'
#
# COMPACT_ATOMS: atom_id res chain seq x y z
N THR A 2 7.42 2.19 26.22
CA THR A 2 8.19 3.33 25.76
C THR A 2 8.19 3.46 24.24
N LEU A 3 8.67 4.59 23.74
CA LEU A 3 8.79 4.83 22.31
C LEU A 3 10.26 4.87 21.89
N SER A 4 10.58 4.18 20.79
CA SER A 4 11.88 4.27 20.15
C SER A 4 11.65 4.48 18.67
N LEU A 5 12.26 5.52 18.12
CA LEU A 5 12.17 5.74 16.68
C LEU A 5 13.56 5.70 16.06
N ALA A 6 13.66 4.97 14.96
CA ALA A 6 14.87 4.91 14.15
C ALA A 6 14.56 5.44 12.75
N ASN A 7 15.28 6.48 12.34
CA ASN A 7 14.98 7.15 11.09
C ASN A 7 16.08 6.98 10.05
N TYR A 8 15.89 6.06 9.11
CA TYR A 8 16.90 5.77 8.09
C TYR A 8 16.83 6.61 6.81
N LEU A 9 15.77 7.38 6.63
CA LEU A 9 15.67 8.23 5.44
C LEU A 9 16.41 9.56 5.61
N ALA A 10 17.30 9.86 4.64
CA ALA A 10 17.96 11.16 4.60
C ALA A 10 16.94 12.28 4.37
N ALA A 11 17.37 13.51 4.54
CA ALA A 11 16.48 14.65 4.42
C ALA A 11 15.95 14.82 2.99
N ASP A 12 16.79 14.44 2.02
CA ASP A 12 16.42 14.55 0.61
C ASP A 12 16.10 13.21 -0.03
N SER A 13 15.68 12.24 0.77
CA SER A 13 15.37 10.94 0.20
C SER A 13 14.14 11.06 -0.70
N ALA A 14 13.09 11.70 -0.20
CA ALA A 14 11.87 11.83 -0.96
C ALA A 14 12.08 12.75 -2.16
N ALA A 15 12.85 13.83 -1.95
CA ALA A 15 13.12 14.79 -3.01
C ALA A 15 13.87 14.19 -4.20
N GLU A 16 14.91 13.41 -3.91
CA GLU A 16 15.71 12.81 -4.97
C GLU A 16 14.93 11.71 -5.69
N ALA A 17 14.21 10.89 -4.91
CA ALA A 17 13.38 9.83 -5.47
C ALA A 17 12.34 10.39 -6.44
N LEU A 18 11.73 11.52 -6.10
CA LEU A 18 10.73 12.16 -6.95
C LEU A 18 11.35 12.68 -8.26
N ARG A 19 12.49 13.36 -8.15
CA ARG A 19 13.19 13.86 -9.34
C ARG A 19 13.44 12.74 -10.35
N ARG A 20 13.94 11.60 -9.87
CA ARG A 20 14.18 10.43 -10.72
C ARG A 20 12.91 9.91 -11.38
N ASP A 21 11.87 9.70 -10.56
CA ASP A 21 10.63 9.08 -11.01
C ASP A 21 9.86 9.94 -12.01
N VAL A 22 9.87 11.24 -11.80
CA VAL A 22 9.17 12.13 -12.70
C VAL A 22 9.94 12.20 -14.03
N ARG A 23 11.26 12.33 -13.93
CA ARG A 23 12.08 12.40 -15.14
C ARG A 23 11.96 11.12 -15.96
N ALA A 24 11.95 9.97 -15.29
CA ALA A 24 11.82 8.70 -15.98
C ALA A 24 10.41 8.52 -16.55
N GLY A 25 9.40 8.82 -15.74
CA GLY A 25 8.02 8.72 -16.16
C GLY A 25 7.57 9.67 -17.26
N LEU A 26 8.08 10.90 -17.27
CA LEU A 26 7.54 11.89 -18.20
C LEU A 26 8.24 11.86 -19.56
N THR A 27 9.36 11.14 -19.63
CA THR A 27 10.13 11.08 -20.88
C THR A 27 10.06 9.70 -21.52
N ALA A 28 9.39 8.74 -20.88
CA ALA A 28 9.09 7.46 -21.54
C ALA A 28 8.08 7.69 -22.65
N ALA A 29 8.21 6.92 -23.72
CA ALA A 29 7.26 6.97 -24.83
C ALA A 29 5.84 6.77 -24.30
N PRO A 30 5.62 5.77 -23.41
CA PRO A 30 4.33 5.78 -22.72
C PRO A 30 4.50 6.40 -21.32
N LYS A 31 4.00 7.61 -21.17
CA LYS A 31 4.22 8.36 -19.95
C LYS A 31 3.56 7.69 -18.75
N SER A 32 4.19 7.83 -17.59
CA SER A 32 3.61 7.32 -16.34
C SER A 32 4.14 8.12 -15.15
N LEU A 33 3.51 7.93 -13.99
CA LEU A 33 4.00 8.44 -12.71
C LEU A 33 3.69 7.40 -11.63
N PRO A 34 4.67 7.12 -10.75
CA PRO A 34 4.45 6.05 -9.75
C PRO A 34 3.38 6.45 -8.75
N PRO A 35 2.52 5.50 -8.37
CA PRO A 35 1.37 5.78 -7.51
C PRO A 35 1.74 6.30 -6.12
N LYS A 36 2.98 6.06 -5.69
CA LYS A 36 3.41 6.42 -4.35
C LYS A 36 3.39 7.94 -4.13
N TRP A 37 3.35 8.69 -5.22
CA TRP A 37 3.38 10.14 -5.11
C TRP A 37 1.98 10.72 -4.96
N PHE A 38 0.97 9.85 -5.03
CA PHE A 38 -0.40 10.24 -4.72
C PHE A 38 -0.53 10.76 -3.28
N TYR A 39 0.36 10.32 -2.40
CA TYR A 39 0.07 10.44 -0.97
C TYR A 39 0.85 11.54 -0.24
N ASP A 40 0.71 12.77 -0.70
CA ASP A 40 1.11 13.91 0.11
C ASP A 40 -0.04 14.16 1.08
N ALA A 41 0.02 15.26 1.83
CA ALA A 41 -1.01 15.53 2.83
C ALA A 41 -2.39 15.59 2.14
N VAL A 42 -2.47 16.34 1.06
CA VAL A 42 -3.74 16.48 0.35
C VAL A 42 -4.23 15.13 -0.20
N GLY A 43 -3.34 14.41 -0.85
CA GLY A 43 -3.68 13.10 -1.39
C GLY A 43 -4.09 12.09 -0.33
N SER A 44 -3.42 12.10 0.82
CA SER A 44 -3.77 11.10 1.85
C SER A 44 -5.15 11.37 2.43
N ASP A 45 -5.46 12.65 2.58
CA ASP A 45 -6.79 13.10 2.96
C ASP A 45 -7.84 12.67 1.91
N LEU A 46 -7.52 12.90 0.64
CA LEU A 46 -8.42 12.46 -0.44
C LEU A 46 -8.62 10.96 -0.39
N PHE A 47 -7.53 10.20 -0.21
CA PHE A 47 -7.65 8.74 -0.14
C PHE A 47 -8.52 8.32 1.04
N ASP A 48 -8.29 8.96 2.19
CA ASP A 48 -9.11 8.74 3.37
C ASP A 48 -10.59 8.87 3.03
N GLN A 49 -10.93 9.88 2.23
CA GLN A 49 -12.33 10.06 1.84
C GLN A 49 -12.77 8.96 0.88
N ILE A 50 -11.91 8.56 -0.04
CA ILE A 50 -12.24 7.45 -0.93
C ILE A 50 -12.65 6.18 -0.13
N THR A 51 -12.02 5.94 1.02
CA THR A 51 -12.31 4.71 1.77
C THR A 51 -13.76 4.71 2.26
N ARG A 52 -14.40 5.88 2.30
CA ARG A 52 -15.76 5.96 2.78
C ARG A 52 -16.77 6.11 1.64
N LEU A 53 -16.25 6.13 0.41
CA LEU A 53 -17.13 6.17 -0.75
C LEU A 53 -17.87 4.83 -0.92
N PRO A 54 -19.17 4.90 -1.22
CA PRO A 54 -20.01 3.74 -1.47
C PRO A 54 -19.46 2.83 -2.57
N GLU A 55 -18.83 3.39 -3.60
CA GLU A 55 -18.30 2.54 -4.66
C GLU A 55 -16.98 1.86 -4.29
N TYR A 56 -16.18 2.47 -3.41
CA TYR A 56 -14.88 1.92 -3.06
C TYR A 56 -15.01 1.02 -1.84
N TYR A 57 -15.25 -0.25 -2.10
CA TYR A 57 -15.45 -1.29 -1.08
C TYR A 57 -14.17 -1.84 -0.38
N PRO A 58 -12.98 -1.83 -1.04
CA PRO A 58 -11.94 -2.67 -0.48
C PRO A 58 -11.50 -2.40 0.97
N THR A 59 -11.33 -1.14 1.36
CA THR A 59 -10.89 -0.81 2.71
C THR A 59 -11.89 -1.30 3.76
N ARG A 60 -13.17 -1.08 3.49
CA ARG A 60 -14.21 -1.45 4.46
C ARG A 60 -14.41 -2.98 4.50
N THR A 61 -14.28 -3.64 3.35
CA THR A 61 -14.47 -5.09 3.32
C THR A 61 -13.33 -5.77 4.09
N GLU A 62 -12.10 -5.32 3.86
CA GLU A 62 -10.94 -5.85 4.57
C GLU A 62 -11.06 -5.56 6.07
N ALA A 63 -11.53 -4.35 6.41
CA ALA A 63 -11.73 -3.99 7.80
C ALA A 63 -12.76 -4.94 8.45
N GLN A 64 -13.84 -5.23 7.73
CA GLN A 64 -14.88 -6.09 8.29
C GLN A 64 -14.38 -7.52 8.47
N ILE A 65 -13.67 -8.05 7.48
CA ILE A 65 -13.03 -9.35 7.68
C ILE A 65 -12.10 -9.34 8.91
N LEU A 66 -11.25 -8.32 8.99
CA LEU A 66 -10.30 -8.24 10.09
C LEU A 66 -11.02 -8.13 11.43
N ARG A 67 -12.10 -7.36 11.46
CA ARG A 67 -12.88 -7.22 12.69
C ARG A 67 -13.30 -8.59 13.21
N THR A 68 -13.88 -9.38 12.31
CA THR A 68 -14.40 -10.71 12.58
C THR A 68 -13.28 -11.73 12.91
N ARG A 69 -12.10 -11.58 12.32
CA ARG A 69 -11.07 -12.63 12.40
C ARG A 69 -9.86 -12.32 13.32
N SER A 70 -9.81 -11.12 13.89
CA SER A 70 -8.67 -10.67 14.71
C SER A 70 -8.25 -11.65 15.79
N ALA A 71 -9.22 -12.11 16.58
CA ALA A 71 -8.96 -13.07 17.65
C ALA A 71 -8.36 -14.35 17.09
N GLU A 72 -8.91 -14.83 15.98
CA GLU A 72 -8.41 -16.07 15.38
C GLU A 72 -7.01 -15.90 14.76
N ILE A 73 -6.79 -14.76 14.10
CA ILE A 73 -5.46 -14.41 13.60
C ILE A 73 -4.45 -14.39 14.73
N ILE A 74 -4.82 -13.75 15.83
CA ILE A 74 -3.91 -13.63 16.95
C ILE A 74 -3.64 -14.97 17.62
N ALA A 75 -4.66 -15.82 17.72
CA ALA A 75 -4.49 -17.18 18.24
C ALA A 75 -3.59 -18.00 17.31
N ALA A 76 -3.89 -17.96 16.02
CA ALA A 76 -3.08 -18.66 15.01
C ALA A 76 -1.61 -18.25 15.03
N ALA A 77 -1.33 -16.96 15.08
CA ALA A 77 0.04 -16.46 15.03
C ALA A 77 0.81 -16.77 16.31
N GLY A 78 0.12 -16.73 17.45
CA GLY A 78 0.77 -16.88 18.74
C GLY A 78 1.88 -15.86 18.95
N ALA A 79 1.77 -14.73 18.26
CA ALA A 79 2.83 -13.73 18.25
C ALA A 79 2.68 -12.73 19.41
N ASP A 80 3.80 -12.20 19.89
CA ASP A 80 3.75 -11.19 20.94
C ASP A 80 4.13 -9.81 20.39
N THR A 81 4.56 -9.80 19.13
CA THR A 81 5.04 -8.58 18.49
C THR A 81 4.27 -8.33 17.20
N LEU A 82 3.72 -7.12 17.07
CA LEU A 82 3.00 -6.74 15.86
C LEU A 82 3.86 -5.80 15.05
N VAL A 83 4.18 -6.20 13.83
CA VAL A 83 4.90 -5.36 12.88
C VAL A 83 3.91 -4.88 11.81
N GLU A 84 3.77 -3.57 11.68
CA GLU A 84 2.84 -3.01 10.69
C GLU A 84 3.62 -2.37 9.56
N LEU A 85 3.41 -2.85 8.33
CA LEU A 85 4.06 -2.27 7.16
C LEU A 85 3.15 -1.27 6.46
N GLY A 86 3.58 -0.01 6.42
CA GLY A 86 2.86 1.01 5.66
C GLY A 86 1.82 1.82 6.40
N SER A 87 1.06 2.61 5.65
CA SER A 87 0.15 3.60 6.22
C SER A 87 -1.31 3.20 6.11
N GLY A 88 -2.18 4.11 6.53
CA GLY A 88 -3.62 4.01 6.29
C GLY A 88 -4.37 2.87 6.95
N THR A 89 -3.65 2.02 7.68
CA THR A 89 -4.27 0.85 8.31
C THR A 89 -4.30 0.96 9.84
N SER A 90 -4.41 2.20 10.35
CA SER A 90 -4.17 2.45 11.77
C SER A 90 -5.39 2.07 12.64
N GLU A 91 -6.59 2.03 12.06
CA GLU A 91 -7.75 1.52 12.79
C GLU A 91 -7.74 -0.03 12.78
N LYS A 92 -7.30 -0.60 11.66
CA LYS A 92 -7.10 -2.03 11.56
C LYS A 92 -5.98 -2.46 12.52
N THR A 93 -4.99 -1.59 12.70
CA THR A 93 -3.89 -1.88 13.62
C THR A 93 -4.42 -2.13 15.02
N ARG A 94 -5.36 -1.31 15.45
CA ARG A 94 -5.81 -1.38 16.83
C ARG A 94 -6.73 -2.58 17.01
N MSE A 95 -7.29 -3.08 15.93
CA MSE A 95 -8.07 -4.31 16.04
C MSE A 95 -7.12 -5.44 16.43
O MSE A 95 -7.43 -6.23 17.31
CB MSE A 95 -8.78 -4.65 14.72
CG MSE A 95 -9.92 -3.71 14.37
SE MSE A 95 -10.57 -4.21 12.58
CE MSE A 95 -11.73 -2.70 12.09
N LEU A 96 -5.96 -5.48 15.78
CA LEU A 96 -4.99 -6.55 16.03
C LEU A 96 -4.34 -6.37 17.38
N LEU A 97 -4.01 -5.13 17.73
CA LEU A 97 -3.39 -4.86 19.01
C LEU A 97 -4.36 -5.22 20.13
N ASP A 98 -5.63 -4.87 19.96
CA ASP A 98 -6.61 -5.17 21.02
C ASP A 98 -6.72 -6.68 21.19
N ALA A 99 -6.83 -7.39 20.08
CA ALA A 99 -6.92 -8.85 20.10
C ALA A 99 -5.70 -9.46 20.79
N MSE A 100 -4.53 -8.84 20.61
CA MSE A 100 -3.32 -9.37 21.22
C MSE A 100 -3.30 -9.08 22.70
O MSE A 100 -2.78 -9.86 23.50
CB MSE A 100 -2.06 -8.78 20.58
CG MSE A 100 -1.84 -9.20 19.14
SE MSE A 100 -0.24 -8.39 18.34
CE MSE A 100 1.09 -9.02 19.54
N ARG A 101 -3.87 -7.94 23.06
CA ARG A 101 -3.98 -7.57 24.46
C ARG A 101 -5.01 -8.46 25.16
N ASP A 102 -6.15 -8.72 24.50
CA ASP A 102 -7.16 -9.64 25.05
C ASP A 102 -6.54 -11.01 25.31
N ALA A 103 -5.65 -11.42 24.42
CA ALA A 103 -4.96 -12.70 24.55
C ALA A 103 -3.79 -12.66 25.55
N GLU A 104 -3.52 -11.49 26.14
CA GLU A 104 -2.40 -11.32 27.08
C GLU A 104 -1.04 -11.66 26.45
N LEU A 105 -0.90 -11.41 25.14
CA LEU A 105 0.36 -11.67 24.45
C LEU A 105 1.11 -10.39 24.07
N LEU A 106 0.41 -9.27 24.02
CA LEU A 106 0.98 -8.03 23.48
C LEU A 106 2.18 -7.49 24.28
N ARG A 107 3.34 -7.36 23.61
CA ARG A 107 4.55 -6.82 24.23
C ARG A 107 5.17 -5.68 23.40
N ARG A 108 5.28 -5.90 22.09
CA ARG A 108 6.01 -4.98 21.20
C ARG A 108 5.18 -4.56 19.97
N PHE A 109 5.28 -3.29 19.59
CA PHE A 109 4.67 -2.80 18.37
C PHE A 109 5.73 -2.14 17.51
N ILE A 110 5.84 -2.58 16.26
CA ILE A 110 6.87 -2.10 15.35
C ILE A 110 6.21 -1.58 14.07
N PRO A 111 5.85 -0.29 14.06
CA PRO A 111 5.39 0.33 12.81
C PRO A 111 6.55 0.73 11.91
N PHE A 112 6.34 0.56 10.62
CA PHE A 112 7.37 0.84 9.62
C PHE A 112 6.69 1.68 8.55
N ASP A 113 7.17 2.90 8.34
CA ASP A 113 6.56 3.78 7.35
C ASP A 113 7.55 4.85 6.91
N VAL A 114 7.24 5.56 5.82
CA VAL A 114 8.17 6.55 5.27
C VAL A 114 8.03 7.92 5.94
N ASP A 115 6.99 8.09 6.73
CA ASP A 115 6.75 9.40 7.34
C ASP A 115 7.03 9.35 8.84
N ALA A 116 8.17 9.91 9.22
CA ALA A 116 8.63 9.85 10.60
C ALA A 116 7.68 10.60 11.53
N GLY A 117 7.10 11.68 11.03
CA GLY A 117 6.17 12.47 11.81
C GLY A 117 4.95 11.66 12.21
N VAL A 118 4.41 10.91 11.24
CA VAL A 118 3.27 10.04 11.51
C VAL A 118 3.63 8.97 12.54
N LEU A 119 4.85 8.44 12.45
CA LEU A 119 5.30 7.43 13.38
C LEU A 119 5.41 7.98 14.81
N ARG A 120 5.96 9.19 14.94
CA ARG A 120 6.12 9.80 16.26
C ARG A 120 4.77 10.04 16.92
N SER A 121 3.82 10.57 16.15
CA SER A 121 2.46 10.77 16.63
C SER A 121 1.79 9.47 16.99
N ALA A 122 1.76 8.54 16.03
CA ALA A 122 1.09 7.26 16.24
C ALA A 122 1.72 6.49 17.38
N GLY A 123 3.03 6.64 17.56
CA GLY A 123 3.75 5.99 18.64
C GLY A 123 3.43 6.56 20.01
N ALA A 124 3.31 7.87 20.10
CA ALA A 124 2.92 8.47 21.38
C ALA A 124 1.50 8.00 21.73
N ALA A 125 0.59 8.04 20.76
CA ALA A 125 -0.81 7.65 20.97
C ALA A 125 -0.93 6.20 21.42
N ILE A 126 -0.43 5.28 20.61
CA ILE A 126 -0.47 3.84 20.92
C ILE A 126 0.16 3.54 22.28
N GLY A 127 1.29 4.20 22.54
CA GLY A 127 1.97 4.07 23.82
C GLY A 127 1.09 4.43 24.99
N ALA A 128 0.22 5.42 24.78
CA ALA A 128 -0.71 5.83 25.84
C ALA A 128 -1.88 4.86 25.97
N GLU A 129 -2.38 4.38 24.84
CA GLU A 129 -3.53 3.49 24.83
C GLU A 129 -3.21 2.08 25.31
N TYR A 130 -1.92 1.71 25.23
CA TYR A 130 -1.47 0.38 25.65
C TYR A 130 -0.30 0.49 26.62
N PRO A 131 -0.58 0.81 27.89
CA PRO A 131 0.48 1.02 28.88
C PRO A 131 1.44 -0.17 28.93
N GLY A 132 2.75 0.08 28.91
CA GLY A 132 3.73 -0.97 29.06
C GLY A 132 4.22 -1.59 27.77
N ILE A 133 3.65 -1.18 26.64
CA ILE A 133 4.06 -1.66 25.33
C ILE A 133 5.39 -1.05 24.90
N GLU A 134 6.23 -1.86 24.27
CA GLU A 134 7.47 -1.33 23.68
C GLU A 134 7.20 -1.04 22.20
N ILE A 135 7.34 0.22 21.82
CA ILE A 135 7.18 0.62 20.42
C ILE A 135 8.53 0.93 19.80
N ASP A 136 8.90 0.11 18.81
CA ASP A 136 10.13 0.33 18.05
C ASP A 136 9.75 0.75 16.66
N ALA A 137 9.57 2.05 16.47
CA ALA A 137 9.14 2.59 15.17
C ALA A 137 10.31 2.74 14.23
N VAL A 138 10.11 2.32 12.98
CA VAL A 138 11.13 2.44 11.96
C VAL A 138 10.64 3.28 10.79
N CYS A 139 11.30 4.41 10.56
CA CYS A 139 11.05 5.23 9.39
C CYS A 139 12.00 4.81 8.28
N GLY A 140 11.44 4.24 7.23
CA GLY A 140 12.23 3.80 6.09
C GLY A 140 11.28 3.43 4.97
N ASP A 141 11.82 2.91 3.87
CA ASP A 141 11.00 2.52 2.73
C ASP A 141 11.23 1.06 2.34
N PHE A 142 10.24 0.49 1.65
CA PHE A 142 10.21 -0.92 1.26
C PHE A 142 11.39 -1.33 0.41
N GLU A 143 11.82 -0.41 -0.44
CA GLU A 143 12.95 -0.62 -1.36
C GLU A 143 14.22 -1.03 -0.63
N GLU A 144 14.52 -0.33 0.46
CA GLU A 144 15.84 -0.36 1.06
C GLU A 144 15.88 -0.81 2.52
N HIS A 145 14.76 -0.69 3.23
CA HIS A 145 14.85 -0.69 4.70
C HIS A 145 14.08 -1.76 5.44
N LEU A 146 13.43 -2.68 4.71
CA LEU A 146 12.75 -3.81 5.34
C LEU A 146 13.72 -4.57 6.25
N GLY A 147 14.98 -4.63 5.86
CA GLY A 147 16.02 -5.28 6.65
C GLY A 147 16.24 -4.62 8.00
N LYS A 148 15.85 -3.34 8.12
CA LYS A 148 16.06 -2.59 9.36
C LYS A 148 15.03 -2.91 10.46
N ILE A 149 14.00 -3.67 10.12
CA ILE A 149 12.98 -4.04 11.11
C ILE A 149 13.54 -5.09 12.08
N PRO A 150 13.51 -4.79 13.38
CA PRO A 150 14.09 -5.69 14.39
C PRO A 150 13.42 -7.07 14.46
N HIS A 151 14.23 -8.11 14.67
CA HIS A 151 13.72 -9.48 14.71
C HIS A 151 13.56 -9.96 16.16
N VAL A 152 13.09 -9.05 17.01
CA VAL A 152 12.87 -9.32 18.44
C VAL A 152 11.46 -9.86 18.69
N GLY A 153 11.39 -10.99 19.41
CA GLY A 153 10.11 -11.59 19.75
C GLY A 153 9.54 -12.47 18.66
N ARG A 154 8.33 -12.98 18.90
CA ARG A 154 7.64 -13.74 17.88
C ARG A 154 6.66 -12.78 17.18
N ARG A 155 6.83 -12.63 15.88
CA ARG A 155 6.27 -11.46 15.19
C ARG A 155 5.17 -11.82 14.21
N LEU A 156 4.05 -11.13 14.33
CA LEU A 156 3.02 -11.11 13.29
C LEU A 156 3.25 -9.87 12.42
N VAL A 157 3.64 -10.09 11.18
CA VAL A 157 3.92 -9.01 10.25
C VAL A 157 2.71 -8.77 9.37
N VAL A 158 2.18 -7.55 9.40
CA VAL A 158 0.97 -7.27 8.62
C VAL A 158 1.18 -6.21 7.54
N PHE A 159 0.68 -6.51 6.36
CA PHE A 159 0.66 -5.58 5.24
C PHE A 159 -0.74 -5.51 4.66
N LEU A 160 -1.55 -4.57 5.16
CA LEU A 160 -2.94 -4.44 4.75
C LEU A 160 -3.13 -3.18 3.88
N GLY A 161 -4.38 -2.92 3.50
CA GLY A 161 -4.72 -1.73 2.72
C GLY A 161 -4.74 -1.90 1.20
N SER A 162 -4.54 -3.14 0.72
CA SER A 162 -4.51 -3.48 -0.71
C SER A 162 -3.34 -2.91 -1.53
N THR A 163 -2.31 -2.40 -0.86
CA THR A 163 -1.14 -1.84 -1.53
C THR A 163 -0.35 -2.84 -2.38
N ILE A 164 -0.42 -4.12 -2.01
CA ILE A 164 0.32 -5.17 -2.71
C ILE A 164 -0.10 -5.27 -4.18
N GLY A 165 -1.36 -4.95 -4.48
CA GLY A 165 -1.87 -5.02 -5.84
C GLY A 165 -1.47 -3.82 -6.71
N ASN A 166 -0.91 -2.78 -6.10
CA ASN A 166 -0.38 -1.63 -6.85
C ASN A 166 0.99 -1.92 -7.48
N LEU A 167 1.48 -3.16 -7.35
CA LEU A 167 2.72 -3.59 -8.02
C LEU A 167 2.41 -4.58 -9.12
N THR A 168 3.01 -4.40 -10.30
CA THR A 168 2.85 -5.36 -11.40
C THR A 168 3.55 -6.67 -11.01
N PRO A 169 3.25 -7.79 -11.70
CA PRO A 169 3.76 -9.13 -11.32
C PRO A 169 5.25 -9.22 -10.93
N ALA A 170 6.14 -8.60 -11.69
CA ALA A 170 7.58 -8.77 -11.42
C ALA A 170 8.03 -8.01 -10.17
N PRO A 171 7.77 -6.69 -10.08
CA PRO A 171 8.12 -6.07 -8.79
C PRO A 171 7.34 -6.62 -7.61
N ARG A 172 6.14 -7.17 -7.84
CA ARG A 172 5.31 -7.76 -6.78
C ARG A 172 5.98 -9.04 -6.25
N ALA A 173 6.38 -9.91 -7.17
CA ALA A 173 7.12 -11.13 -6.82
C ALA A 173 8.41 -10.75 -6.07
N GLU A 174 9.05 -9.69 -6.52
CA GLU A 174 10.27 -9.22 -5.87
C GLU A 174 9.99 -8.77 -4.44
N PHE A 175 8.95 -7.97 -4.27
CA PHE A 175 8.62 -7.45 -2.95
C PHE A 175 8.24 -8.55 -1.96
N LEU A 176 7.36 -9.47 -2.37
CA LEU A 176 6.90 -10.55 -1.49
C LEU A 176 8.06 -11.44 -1.03
N SER A 177 8.96 -11.74 -1.95
CA SER A 177 10.11 -12.59 -1.65
C SER A 177 11.04 -11.95 -0.62
N THR A 178 11.25 -10.65 -0.76
CA THR A 178 12.14 -9.93 0.16
C THR A 178 11.48 -9.84 1.55
N LEU A 179 10.18 -9.56 1.56
CA LEU A 179 9.36 -9.63 2.76
C LEU A 179 9.47 -11.00 3.46
N ALA A 180 9.31 -12.07 2.68
CA ALA A 180 9.40 -13.43 3.19
C ALA A 180 10.74 -13.68 3.83
N ASP A 181 11.77 -13.05 3.26
CA ASP A 181 13.16 -13.22 3.70
C ASP A 181 13.40 -12.69 5.11
N THR A 182 12.61 -11.71 5.52
CA THR A 182 12.79 -11.12 6.84
C THR A 182 12.12 -11.95 7.93
N LEU A 183 11.16 -12.78 7.55
CA LEU A 183 10.47 -13.62 8.53
C LEU A 183 11.43 -14.66 9.12
N GLN A 184 11.42 -14.76 10.45
CA GLN A 184 12.10 -15.85 11.12
C GLN A 184 11.12 -17.01 11.27
N PRO A 185 11.64 -18.24 11.48
CA PRO A 185 10.69 -19.30 11.82
C PRO A 185 9.96 -18.92 13.10
N GLY A 186 8.65 -19.15 13.14
CA GLY A 186 7.85 -18.68 14.26
C GLY A 186 7.04 -17.44 13.91
N ASP A 187 7.44 -16.73 12.87
CA ASP A 187 6.74 -15.49 12.44
C ASP A 187 5.65 -15.78 11.41
N SER A 188 4.73 -14.83 11.26
CA SER A 188 3.62 -14.97 10.32
C SER A 188 3.39 -13.67 9.58
N LEU A 189 2.90 -13.80 8.35
CA LEU A 189 2.60 -12.65 7.51
C LEU A 189 1.10 -12.60 7.28
N LEU A 190 0.49 -11.46 7.56
CA LEU A 190 -0.92 -11.23 7.25
C LEU A 190 -1.00 -10.29 6.05
N LEU A 191 -1.79 -10.70 5.07
CA LEU A 191 -1.79 -10.05 3.77
C LEU A 191 -3.21 -9.98 3.21
N GLY A 192 -3.63 -8.81 2.74
CA GLY A 192 -4.94 -8.65 2.12
C GLY A 192 -4.85 -8.57 0.60
N THR A 193 -5.75 -9.28 -0.08
CA THR A 193 -5.79 -9.24 -1.53
C THR A 193 -7.21 -9.06 -2.04
N ASP A 194 -7.43 -8.04 -2.87
CA ASP A 194 -8.74 -7.78 -3.44
C ASP A 194 -8.97 -8.76 -4.59
N LEU A 195 -10.20 -9.26 -4.71
CA LEU A 195 -10.46 -10.37 -5.61
C LEU A 195 -11.15 -9.93 -6.91
N VAL A 196 -10.82 -10.62 -8.00
CA VAL A 196 -11.55 -10.49 -9.26
C VAL A 196 -13.06 -10.65 -8.97
N LYS A 197 -13.85 -9.78 -9.60
CA LYS A 197 -15.29 -9.67 -9.37
C LYS A 197 -15.91 -8.96 -10.57
N ASP A 198 -17.21 -8.65 -10.49
CA ASP A 198 -17.90 -7.90 -11.55
C ASP A 198 -17.12 -6.65 -11.99
N THR A 199 -16.84 -6.55 -13.28
CA THR A 199 -15.94 -5.52 -13.78
C THR A 199 -16.56 -4.13 -13.69
N GLY A 200 -17.89 -4.09 -13.68
CA GLY A 200 -18.60 -2.83 -13.47
C GLY A 200 -18.33 -2.30 -12.08
N ARG A 201 -18.38 -3.20 -11.12
CA ARG A 201 -18.07 -2.84 -9.74
C ARG A 201 -16.64 -2.34 -9.60
N LEU A 202 -15.72 -3.01 -10.28
CA LEU A 202 -14.31 -2.68 -10.21
C LEU A 202 -14.03 -1.32 -10.79
N VAL A 203 -14.59 -1.02 -11.96
CA VAL A 203 -14.33 0.26 -12.59
C VAL A 203 -14.98 1.40 -11.78
N ARG A 204 -16.20 1.21 -11.29
CA ARG A 204 -16.89 2.25 -10.52
C ARG A 204 -16.11 2.55 -9.24
N ALA A 205 -15.44 1.54 -8.69
CA ALA A 205 -14.65 1.70 -7.47
C ALA A 205 -13.50 2.65 -7.70
N TYR A 206 -13.04 2.74 -8.95
CA TYR A 206 -11.90 3.57 -9.29
C TYR A 206 -12.31 4.76 -10.15
N ASP A 207 -13.61 5.03 -10.18
CA ASP A 207 -14.12 6.23 -10.83
C ASP A 207 -15.51 6.51 -10.27
N ASP A 208 -15.53 6.92 -9.01
CA ASP A 208 -16.77 7.13 -8.27
C ASP A 208 -17.62 8.27 -8.84
N ALA A 209 -18.92 8.20 -8.58
CA ALA A 209 -19.88 9.16 -9.13
C ALA A 209 -19.60 10.60 -8.69
N ALA A 210 -19.01 10.76 -7.51
CA ALA A 210 -18.75 12.09 -6.95
C ALA A 210 -17.47 12.70 -7.52
N GLY A 211 -16.65 11.90 -8.19
CA GLY A 211 -15.44 12.42 -8.81
C GLY A 211 -14.28 12.64 -7.85
N VAL A 212 -14.36 12.01 -6.69
CA VAL A 212 -13.29 12.12 -5.70
C VAL A 212 -12.03 11.41 -6.19
N THR A 213 -12.19 10.23 -6.77
CA THR A 213 -11.04 9.50 -7.26
C THR A 213 -10.34 10.31 -8.34
N ALA A 214 -11.12 11.02 -9.15
CA ALA A 214 -10.58 11.88 -10.20
C ALA A 214 -9.70 12.98 -9.59
N ALA A 215 -10.18 13.59 -8.51
CA ALA A 215 -9.40 14.63 -7.84
C ALA A 215 -8.11 14.02 -7.27
N PHE A 216 -8.24 12.84 -6.67
CA PHE A 216 -7.11 12.13 -6.10
C PHE A 216 -6.06 11.81 -7.17
N ASN A 217 -6.53 11.37 -8.34
CA ASN A 217 -5.64 11.11 -9.49
C ASN A 217 -4.97 12.40 -9.95
N ARG A 218 -5.76 13.41 -10.29
CA ARG A 218 -5.21 14.71 -10.72
C ARG A 218 -4.22 15.29 -9.73
N ASN A 219 -4.42 15.02 -8.43
CA ASN A 219 -3.56 15.67 -7.44
C ASN A 219 -2.08 15.35 -7.62
N VAL A 220 -1.76 14.18 -8.17
CA VAL A 220 -0.35 13.85 -8.40
C VAL A 220 0.31 14.92 -9.29
N LEU A 221 -0.48 15.53 -10.18
CA LEU A 221 0.00 16.68 -10.96
C LEU A 221 0.33 17.90 -10.08
N ALA A 222 -0.49 18.11 -9.05
CA ALA A 222 -0.26 19.24 -8.15
C ALA A 222 1.02 19.02 -7.36
N VAL A 223 1.27 17.77 -7.01
CA VAL A 223 2.50 17.37 -6.33
C VAL A 223 3.71 17.66 -7.19
N VAL A 224 3.66 17.26 -8.46
CA VAL A 224 4.78 17.56 -9.33
C VAL A 224 4.92 19.08 -9.52
N ASN A 225 3.80 19.78 -9.70
CA ASN A 225 3.82 21.24 -9.81
C ASN A 225 4.50 21.91 -8.62
N ARG A 226 4.08 21.50 -7.43
CA ARG A 226 4.58 22.11 -6.20
C ARG A 226 6.04 21.80 -5.99
N GLU A 227 6.39 20.52 -6.03
CA GLU A 227 7.71 20.07 -5.61
C GLU A 227 8.81 20.27 -6.66
N LEU A 228 8.44 20.30 -7.94
CA LEU A 228 9.44 20.45 -8.99
C LEU A 228 9.19 21.67 -9.89
N SER A 229 8.31 22.55 -9.43
CA SER A 229 8.00 23.79 -10.15
C SER A 229 7.62 23.49 -11.59
N ALA A 230 6.57 22.69 -11.75
CA ALA A 230 6.01 22.35 -13.06
C ALA A 230 4.74 23.15 -13.25
N ASP A 231 4.21 23.18 -14.46
CA ASP A 231 3.03 23.98 -14.74
C ASP A 231 1.90 23.15 -15.38
N PHE A 232 1.70 21.94 -14.87
CA PHE A 232 0.56 21.13 -15.26
C PHE A 232 -0.72 21.92 -15.04
N ASP A 233 -1.61 21.87 -16.02
CA ASP A 233 -2.94 22.44 -15.91
C ASP A 233 -3.90 21.32 -15.54
N LEU A 234 -4.22 21.21 -14.25
CA LEU A 234 -4.96 20.04 -13.75
C LEU A 234 -6.28 19.87 -14.48
N ASP A 235 -6.88 20.98 -14.86
CA ASP A 235 -8.17 20.95 -15.52
C ASP A 235 -8.09 20.41 -16.97
N ALA A 236 -6.87 20.32 -17.50
CA ALA A 236 -6.63 19.84 -18.86
C ALA A 236 -6.58 18.30 -18.95
N PHE A 237 -6.63 17.62 -17.80
CA PHE A 237 -6.46 16.17 -17.80
C PHE A 237 -7.69 15.48 -17.24
N GLU A 238 -8.22 14.55 -18.03
CA GLU A 238 -9.39 13.77 -17.66
C GLU A 238 -8.97 12.53 -16.87
N HIS A 239 -9.75 12.18 -15.86
CA HIS A 239 -9.56 10.92 -15.14
C HIS A 239 -10.16 9.74 -15.90
N VAL A 240 -9.37 8.70 -16.12
CA VAL A 240 -9.83 7.51 -16.82
C VAL A 240 -9.45 6.26 -16.05
N ALA A 241 -10.46 5.47 -15.67
CA ALA A 241 -10.21 4.19 -15.01
C ALA A 241 -10.60 3.09 -15.99
N LYS A 242 -9.73 2.10 -16.18
CA LYS A 242 -10.01 1.01 -17.11
C LYS A 242 -9.85 -0.36 -16.48
N TRP A 243 -10.67 -1.30 -16.91
CA TRP A 243 -10.42 -2.70 -16.60
C TRP A 243 -9.55 -3.33 -17.67
N ASN A 244 -8.35 -3.77 -17.27
CA ASN A 244 -7.49 -4.53 -18.17
C ASN A 244 -7.76 -6.02 -17.98
N SER A 245 -8.51 -6.63 -18.88
CA SER A 245 -8.95 -8.01 -18.66
C SER A 245 -7.84 -9.05 -18.82
N ASP A 246 -6.83 -8.73 -19.62
CA ASP A 246 -5.72 -9.67 -19.82
C ASP A 246 -4.79 -9.68 -18.62
N GLU A 247 -4.68 -8.56 -17.92
CA GLU A 247 -3.84 -8.49 -16.75
C GLU A 247 -4.67 -8.66 -15.47
N GLU A 248 -5.99 -8.63 -15.65
CA GLU A 248 -6.97 -8.64 -14.55
C GLU A 248 -6.58 -7.63 -13.49
N ARG A 249 -6.59 -6.38 -13.91
CA ARG A 249 -6.23 -5.27 -13.04
C ARG A 249 -6.90 -3.98 -13.50
N ILE A 250 -7.16 -3.11 -12.54
CA ILE A 250 -7.63 -1.78 -12.84
C ILE A 250 -6.42 -0.94 -13.22
N GLU A 251 -6.62 -0.01 -14.15
CA GLU A 251 -5.62 1.00 -14.47
C GLU A 251 -6.22 2.39 -14.33
N MSE A 252 -5.45 3.31 -13.74
CA MSE A 252 -5.87 4.70 -13.69
C MSE A 252 -5.00 5.50 -14.64
O MSE A 252 -3.78 5.36 -14.63
CB MSE A 252 -5.77 5.25 -12.27
CG MSE A 252 -6.63 4.48 -11.28
SE MSE A 252 -7.39 5.66 -9.90
CE MSE A 252 -5.74 6.53 -9.27
N TRP A 253 -5.62 6.35 -15.44
CA TRP A 253 -4.87 7.19 -16.37
C TRP A 253 -5.27 8.64 -16.23
N LEU A 254 -4.40 9.53 -16.68
CA LEU A 254 -4.75 10.93 -16.88
C LEU A 254 -4.66 11.20 -18.37
N ARG A 255 -5.73 11.72 -18.95
CA ARG A 255 -5.79 11.90 -20.39
C ARG A 255 -5.87 13.38 -20.73
N ALA A 256 -4.96 13.84 -21.59
CA ALA A 256 -4.96 15.26 -21.94
C ALA A 256 -6.12 15.53 -22.88
N ARG A 257 -7.00 16.46 -22.49
CA ARG A 257 -8.14 16.86 -23.34
C ARG A 257 -7.64 17.44 -24.65
N THR A 258 -6.63 18.29 -24.55
CA THR A 258 -6.00 18.93 -25.71
C THR A 258 -4.49 18.84 -25.54
N ALA A 259 -3.77 19.10 -26.64
CA ALA A 259 -2.31 19.15 -26.61
C ALA A 259 -1.83 20.04 -25.45
N GLN A 260 -0.89 19.52 -24.65
CA GLN A 260 -0.32 20.29 -23.54
C GLN A 260 1.20 20.35 -23.66
N HIS A 261 1.80 21.51 -23.43
CA HIS A 261 3.24 21.56 -23.25
C HIS A 261 3.58 21.86 -21.79
N VAL A 262 4.34 20.98 -21.17
CA VAL A 262 4.62 21.08 -19.74
C VAL A 262 6.10 21.22 -19.47
N ARG A 263 6.45 22.26 -18.72
CA ARG A 263 7.83 22.46 -18.26
C ARG A 263 7.99 22.09 -16.79
N VAL A 264 8.84 21.11 -16.50
CA VAL A 264 9.18 20.84 -15.11
C VAL A 264 10.50 21.54 -14.79
N ALA A 265 10.40 22.76 -14.28
CA ALA A 265 11.54 23.66 -14.13
C ALA A 265 12.69 23.10 -13.29
N ALA A 266 12.38 22.39 -12.20
CA ALA A 266 13.44 21.88 -11.33
C ALA A 266 14.31 20.87 -12.09
N LEU A 267 13.74 20.25 -13.11
CA LEU A 267 14.43 19.23 -13.88
C LEU A 267 14.97 19.79 -15.19
N ASP A 268 14.64 21.04 -15.47
CA ASP A 268 14.85 21.65 -16.78
C ASP A 268 14.36 20.66 -17.85
N LEU A 269 13.10 20.26 -17.71
CA LEU A 269 12.51 19.26 -18.58
C LEU A 269 11.26 19.78 -19.27
N GLU A 270 11.30 19.81 -20.60
CA GLU A 270 10.16 20.18 -21.43
C GLU A 270 9.44 18.91 -21.88
N VAL A 271 8.13 18.85 -21.65
CA VAL A 271 7.35 17.66 -21.93
C VAL A 271 6.15 18.00 -22.81
N ASP A 272 5.83 17.16 -23.79
CA ASP A 272 4.65 17.37 -24.62
C ASP A 272 3.62 16.25 -24.54
N PHE A 273 2.36 16.65 -24.40
CA PHE A 273 1.23 15.73 -24.45
C PHE A 273 0.47 16.00 -25.74
N ALA A 274 0.25 14.97 -26.55
CA ALA A 274 -0.63 15.10 -27.70
C ALA A 274 -2.06 15.07 -27.20
N ALA A 275 -2.99 15.64 -27.96
CA ALA A 275 -4.40 15.60 -27.56
C ALA A 275 -4.83 14.15 -27.41
N GLY A 276 -5.47 13.83 -26.29
CA GLY A 276 -5.94 12.48 -26.07
C GLY A 276 -4.88 11.52 -25.56
N GLU A 277 -3.66 11.99 -25.38
CA GLU A 277 -2.57 11.14 -24.88
C GLU A 277 -2.77 10.76 -23.42
N GLU A 278 -2.63 9.47 -23.10
CA GLU A 278 -2.85 9.01 -21.73
C GLU A 278 -1.54 8.70 -21.00
N MSE A 279 -1.50 9.04 -19.71
CA MSE A 279 -0.37 8.79 -18.81
C MSE A 279 -0.81 7.82 -17.70
O MSE A 279 -1.83 8.02 -17.04
CB MSE A 279 0.13 10.12 -18.24
CG MSE A 279 1.28 10.05 -17.23
SE MSE A 279 1.95 11.67 -16.77
CE MSE A 279 0.49 12.51 -16.20
N LEU A 280 -0.04 6.76 -17.47
CA LEU A 280 -0.44 5.76 -16.49
C LEU A 280 -0.04 6.19 -15.07
N THR A 281 -1.01 6.35 -14.18
CA THR A 281 -0.68 6.77 -12.81
C THR A 281 -0.83 5.69 -11.72
N GLU A 282 -1.60 4.65 -11.99
CA GLU A 282 -1.75 3.57 -11.02
C GLU A 282 -2.29 2.31 -11.68
N VAL A 283 -1.81 1.15 -11.22
CA VAL A 283 -2.50 -0.09 -11.52
C VAL A 283 -2.99 -0.67 -10.19
N SER A 284 -4.11 -1.37 -10.24
CA SER A 284 -4.65 -2.04 -9.06
C SER A 284 -4.95 -3.49 -9.49
N CYS A 285 -4.01 -4.38 -9.21
CA CYS A 285 -4.15 -5.77 -9.64
C CYS A 285 -5.17 -6.51 -8.77
N LYS A 286 -6.05 -7.29 -9.42
CA LYS A 286 -7.04 -8.07 -8.69
C LYS A 286 -6.72 -9.56 -8.83
N PHE A 287 -6.99 -10.30 -7.75
CA PHE A 287 -6.45 -11.63 -7.61
C PHE A 287 -7.54 -12.71 -7.65
N ARG A 288 -7.13 -13.92 -8.01
CA ARG A 288 -7.96 -15.10 -7.81
C ARG A 288 -7.38 -15.88 -6.63
N PRO A 289 -8.26 -16.49 -5.81
CA PRO A 289 -7.85 -17.15 -4.56
C PRO A 289 -6.75 -18.20 -4.78
N GLU A 290 -6.89 -18.99 -5.85
CA GLU A 290 -5.90 -20.02 -6.15
C GLU A 290 -4.57 -19.40 -6.57
N ASN A 291 -4.62 -18.23 -7.21
CA ASN A 291 -3.40 -17.55 -7.62
C ASN A 291 -2.68 -16.89 -6.46
N VAL A 292 -3.43 -16.54 -5.41
CA VAL A 292 -2.79 -15.94 -4.25
C VAL A 292 -1.85 -16.97 -3.58
N VAL A 293 -2.33 -18.20 -3.47
CA VAL A 293 -1.54 -19.27 -2.88
C VAL A 293 -0.28 -19.53 -3.71
N ALA A 294 -0.41 -19.54 -5.04
CA ALA A 294 0.75 -19.78 -5.90
C ALA A 294 1.79 -18.68 -5.76
N GLU A 295 1.34 -17.43 -5.70
CA GLU A 295 2.27 -16.31 -5.59
C GLU A 295 2.98 -16.36 -4.26
N LEU A 296 2.24 -16.68 -3.20
CA LEU A 296 2.83 -16.85 -1.88
C LEU A 296 3.89 -17.95 -1.93
N ALA A 297 3.57 -19.03 -2.64
CA ALA A 297 4.46 -20.18 -2.69
C ALA A 297 5.75 -19.79 -3.40
N GLU A 298 5.64 -19.04 -4.49
CA GLU A 298 6.81 -18.68 -5.26
C GLU A 298 7.69 -17.75 -4.45
N ALA A 299 7.09 -16.98 -3.55
CA ALA A 299 7.84 -16.09 -2.67
C ALA A 299 8.44 -16.79 -1.45
N GLY A 300 8.17 -18.08 -1.30
CA GLY A 300 8.67 -18.83 -0.15
C GLY A 300 7.73 -18.85 1.05
N LEU A 301 6.44 -18.65 0.80
CA LEU A 301 5.45 -18.63 1.87
C LEU A 301 4.38 -19.68 1.68
N ARG A 302 3.95 -20.27 2.79
CA ARG A 302 2.84 -21.22 2.79
C ARG A 302 1.64 -20.56 3.43
N GLN A 303 0.52 -20.53 2.72
CA GLN A 303 -0.70 -19.99 3.31
C GLN A 303 -1.25 -20.96 4.37
N THR A 304 -1.42 -20.48 5.60
CA THR A 304 -1.95 -21.33 6.69
C THR A 304 -3.40 -21.02 6.96
N HIS A 305 -3.81 -19.81 6.60
CA HIS A 305 -5.22 -19.43 6.71
C HIS A 305 -5.64 -18.57 5.54
N TRP A 306 -6.93 -18.64 5.23
CA TRP A 306 -7.56 -17.79 4.23
C TRP A 306 -8.96 -17.48 4.71
N TRP A 307 -9.29 -16.19 4.73
CA TRP A 307 -10.61 -15.71 5.16
C TRP A 307 -11.21 -14.79 4.10
N THR A 308 -12.50 -14.96 3.80
CA THR A 308 -13.18 -14.02 2.93
C THR A 308 -14.43 -13.43 3.59
N ASP A 309 -14.90 -12.32 3.04
CA ASP A 309 -16.18 -11.72 3.40
C ASP A 309 -17.30 -12.58 2.81
N PRO A 310 -18.56 -12.31 3.21
CA PRO A 310 -19.65 -13.16 2.71
C PRO A 310 -19.80 -13.15 1.18
N ALA A 311 -19.44 -12.07 0.49
CA ALA A 311 -19.64 -11.97 -0.96
C ALA A 311 -18.46 -12.52 -1.76
N GLY A 312 -17.44 -12.99 -1.05
CA GLY A 312 -16.19 -13.38 -1.70
C GLY A 312 -15.53 -12.23 -2.45
N ASP A 313 -15.64 -11.01 -1.92
CA ASP A 313 -15.09 -9.82 -2.58
C ASP A 313 -13.61 -9.64 -2.33
N PHE A 314 -13.17 -10.10 -1.17
CA PHE A 314 -11.83 -9.79 -0.65
C PHE A 314 -11.32 -10.96 0.20
N GLY A 315 -10.02 -11.23 0.18
CA GLY A 315 -9.44 -12.26 1.03
C GLY A 315 -8.25 -11.82 1.88
N LEU A 316 -8.20 -12.28 3.12
CA LEU A 316 -7.04 -12.13 3.99
C LEU A 316 -6.28 -13.44 4.05
N SER A 317 -4.96 -13.40 3.91
CA SER A 317 -4.13 -14.58 4.09
C SER A 317 -3.25 -14.42 5.30
N LEU A 318 -3.08 -15.52 6.02
CA LEU A 318 -2.02 -15.66 7.01
C LEU A 318 -1.04 -16.66 6.42
N ALA A 319 0.26 -16.35 6.46
CA ALA A 319 1.24 -17.20 5.81
C ALA A 319 2.48 -17.36 6.68
N VAL A 320 3.23 -18.43 6.46
CA VAL A 320 4.46 -18.68 7.22
C VAL A 320 5.56 -19.16 6.25
N ARG A 321 6.80 -19.21 6.72
CA ARG A 321 7.92 -19.64 5.87
C ARG A 321 7.70 -21.05 5.33
N LEU A 322 7.91 -21.21 4.04
CA LEU A 322 7.68 -22.48 3.36
C LEU A 322 8.60 -23.56 3.86
N GLU A 323 8.06 -24.77 4.03
CA GLU A 323 8.83 -25.92 4.52
C GLU A 323 9.67 -26.55 3.40
N HIS A 324 10.92 -26.89 3.71
CA HIS A 324 11.78 -27.58 2.72
C HIS A 324 12.43 -28.81 3.31
N HIS A 325 12.32 -29.93 2.60
CA HIS A 325 12.91 -31.21 3.03
C HIS A 325 13.69 -31.78 1.84
N HIS A 326 14.99 -31.51 1.79
CA HIS A 326 15.81 -31.86 0.62
C HIS A 326 16.37 -33.28 0.65
N HIS A 327 16.76 -33.80 -0.51
CA HIS A 327 17.29 -35.16 -0.59
C HIS A 327 18.51 -35.29 -1.51
N1 IMD B . -6.24 4.29 -5.82
C2 IMD B . -7.47 4.40 -6.38
N3 IMD B . -8.37 4.51 -5.37
C4 IMD B . -7.71 4.49 -4.19
C5 IMD B . -6.37 4.35 -4.49
C ACT C . -6.00 0.32 -4.32
O ACT C . -7.25 0.19 -4.18
OXT ACT C . -5.46 -0.12 -5.37
CH3 ACT C . -5.20 0.97 -3.23
#